data_4W64
#
_entry.id   4W64
#
_cell.length_a   87.001
_cell.length_b   87.001
_cell.length_c   128.809
_cell.angle_alpha   90.00
_cell.angle_beta   90.00
_cell.angle_gamma   120.00
#
_symmetry.space_group_name_H-M   'P 6'
#
loop_
_entity.id
_entity.type
_entity.pdbx_description
1 polymer 'Type VI secretion system effector, Hcp1 family'
2 non-polymer 'SULFATE ION'
3 water water
#
_entity_poly.entity_id   1
_entity_poly.type   'polypeptide(L)'
_entity_poly.pdbx_seq_one_letter_code
;ASMKDIYVEFRGKYKVDGESRDSEHKGWLEVNSWSHNIRQPKSATSSSVGGHTAERVEHSDMVFVKDLDATSPKLWEACS
AGYTFDEVQIDFYRANGDKRIKYLQIKLKHVLVSSVTPTVNEEGVPTEAFGLKYAAVEWTYNQQDINGTAKGAVTKKWSL
SNNTASYAALA
;
_entity_poly.pdbx_strand_id   A,B,C
#
loop_
_chem_comp.id
_chem_comp.type
_chem_comp.name
_chem_comp.formula
SO4 non-polymer 'SULFATE ION' 'O4 S -2'
#
# COMPACT_ATOMS: atom_id res chain seq x y z
N ALA A 1 -52.59 -42.63 -4.54
CA ALA A 1 -52.54 -41.49 -5.45
C ALA A 1 -51.23 -40.76 -5.30
N SER A 2 -50.54 -40.55 -6.42
CA SER A 2 -49.34 -39.74 -6.39
C SER A 2 -49.76 -38.27 -6.30
N MET A 3 -49.10 -37.54 -5.41
CA MET A 3 -49.43 -36.12 -5.21
C MET A 3 -48.16 -35.31 -5.28
N LYS A 4 -47.24 -35.76 -6.13
CA LYS A 4 -45.98 -35.06 -6.31
C LYS A 4 -46.16 -33.71 -6.97
N ASP A 5 -45.49 -32.71 -6.40
CA ASP A 5 -45.55 -31.35 -6.89
C ASP A 5 -44.42 -30.57 -6.26
N ILE A 6 -43.79 -29.71 -7.05
CA ILE A 6 -42.74 -28.83 -6.54
C ILE A 6 -43.10 -27.41 -6.97
N TYR A 7 -43.02 -26.46 -6.05
CA TYR A 7 -43.36 -25.07 -6.35
C TYR A 7 -42.21 -24.15 -5.96
N VAL A 8 -41.97 -23.14 -6.79
CA VAL A 8 -40.89 -22.17 -6.57
C VAL A 8 -41.42 -20.75 -6.57
N GLU A 9 -41.03 -19.94 -5.58
CA GLU A 9 -41.36 -18.52 -5.60
C GLU A 9 -40.12 -17.64 -5.46
N PHE A 10 -39.97 -16.68 -6.38
CA PHE A 10 -38.93 -15.66 -6.31
C PHE A 10 -39.44 -14.47 -5.54
N ARG A 11 -38.60 -13.93 -4.65
CA ARG A 11 -38.95 -12.77 -3.86
C ARG A 11 -37.82 -11.76 -3.95
N GLY A 12 -38.03 -10.73 -4.77
CA GLY A 12 -37.03 -9.70 -4.94
C GLY A 12 -37.64 -8.52 -5.64
N LYS A 13 -36.80 -7.55 -6.02
CA LYS A 13 -37.27 -6.37 -6.71
C LYS A 13 -37.78 -6.71 -8.12
N TYR A 14 -37.08 -7.62 -8.80
CA TYR A 14 -37.49 -8.07 -10.13
C TYR A 14 -38.50 -9.19 -9.98
N LYS A 15 -39.59 -9.12 -10.74
CA LYS A 15 -40.68 -10.07 -10.57
C LYS A 15 -40.54 -11.24 -11.53
N VAL A 16 -40.63 -12.45 -10.99
CA VAL A 16 -40.69 -13.66 -11.81
C VAL A 16 -41.97 -14.38 -11.41
N ASP A 17 -43.10 -13.73 -11.66
CA ASP A 17 -44.38 -14.27 -11.21
C ASP A 17 -44.81 -15.46 -12.06
N GLY A 18 -45.18 -16.55 -11.41
CA GLY A 18 -45.49 -17.81 -12.07
C GLY A 18 -46.95 -18.03 -12.42
N GLU A 19 -47.25 -19.22 -12.92
CA GLU A 19 -48.56 -19.54 -13.46
C GLU A 19 -49.43 -20.42 -12.58
N SER A 20 -48.87 -20.93 -11.47
CA SER A 20 -49.61 -21.94 -10.71
C SER A 20 -50.97 -21.48 -10.24
N ARG A 21 -51.95 -22.37 -10.35
CA ARG A 21 -53.27 -22.10 -9.80
C ARG A 21 -53.55 -22.92 -8.55
N ASP A 22 -52.52 -23.59 -8.04
CA ASP A 22 -52.69 -24.33 -6.78
C ASP A 22 -53.07 -23.33 -5.69
N SER A 23 -54.10 -23.64 -4.91
CA SER A 23 -54.61 -22.71 -3.90
CA SER A 23 -54.62 -22.74 -3.87
C SER A 23 -53.53 -22.23 -2.94
N GLU A 24 -52.61 -23.11 -2.57
CA GLU A 24 -51.57 -22.74 -1.61
C GLU A 24 -50.32 -22.10 -2.22
N HIS A 25 -50.26 -22.06 -3.54
CA HIS A 25 -49.10 -21.51 -4.24
C HIS A 25 -49.52 -20.68 -5.45
N LYS A 26 -50.54 -19.83 -5.27
CA LYS A 26 -51.02 -19.02 -6.39
C LYS A 26 -49.90 -18.13 -6.93
N GLY A 27 -49.64 -18.23 -8.24
CA GLY A 27 -48.59 -17.44 -8.85
C GLY A 27 -47.17 -17.92 -8.64
N TRP A 28 -47.00 -19.07 -7.99
CA TRP A 28 -45.67 -19.68 -7.92
C TRP A 28 -45.38 -20.39 -9.24
N LEU A 29 -44.12 -20.76 -9.46
CA LEU A 29 -43.75 -21.59 -10.60
C LEU A 29 -43.96 -23.04 -10.21
N GLU A 30 -44.55 -23.82 -11.10
CA GLU A 30 -44.58 -25.27 -10.93
C GLU A 30 -43.38 -25.86 -11.64
N VAL A 31 -42.61 -26.67 -10.92
CA VAL A 31 -41.46 -27.34 -11.52
C VAL A 31 -41.56 -28.88 -11.37
N ASN A 32 -40.77 -29.58 -12.17
CA ASN A 32 -40.91 -31.02 -12.33
C ASN A 32 -39.89 -31.85 -11.57
N SER A 33 -38.70 -31.28 -11.35
CA SER A 33 -37.59 -32.04 -10.75
C SER A 33 -36.55 -31.10 -10.19
N TRP A 34 -35.67 -31.66 -9.36
CA TRP A 34 -34.64 -30.87 -8.68
C TRP A 34 -33.42 -31.75 -8.47
N SER A 35 -32.23 -31.15 -8.58
CA SER A 35 -31.00 -31.87 -8.27
C SER A 35 -29.99 -30.92 -7.67
N HIS A 36 -29.12 -31.45 -6.81
CA HIS A 36 -28.11 -30.64 -6.15
C HIS A 36 -26.86 -31.47 -5.90
N ASN A 37 -25.81 -30.81 -5.44
CA ASN A 37 -24.54 -31.49 -5.17
C ASN A 37 -23.78 -30.62 -4.20
N ILE A 38 -23.21 -31.26 -3.17
CA ILE A 38 -22.43 -30.57 -2.14
C ILE A 38 -21.16 -31.38 -1.97
N ARG A 39 -20.01 -30.71 -2.03
CA ARG A 39 -18.72 -31.41 -1.97
C ARG A 39 -17.79 -30.74 -0.99
N GLN A 40 -17.29 -31.54 -0.03
CA GLN A 40 -16.42 -31.08 1.05
C GLN A 40 -15.01 -31.63 0.85
N PRO A 41 -14.02 -30.76 0.59
CA PRO A 41 -12.66 -31.20 0.33
C PRO A 41 -11.81 -31.52 1.56
N LYS A 42 -12.27 -31.15 2.75
CA LYS A 42 -11.53 -31.39 3.99
C LYS A 42 -10.97 -32.82 4.10
N SER A 43 -9.71 -32.92 4.53
CA SER A 43 -9.05 -34.22 4.67
C SER A 43 -9.44 -34.91 5.98
N ALA A 44 -9.49 -36.25 5.96
CA ALA A 44 -9.71 -37.02 7.18
C ALA A 44 -8.39 -37.54 7.75
N THR A 45 -7.28 -37.29 7.04
CA THR A 45 -6.00 -37.84 7.48
C THR A 45 -4.99 -36.75 7.85
N SER A 46 -5.35 -35.50 7.56
CA SER A 46 -4.56 -34.35 7.98
C SER A 46 -5.48 -33.37 8.70
N SER A 47 -4.92 -32.63 9.65
CA SER A 47 -5.70 -31.62 10.33
C SER A 47 -4.86 -30.36 10.53
N SER A 48 -5.53 -29.22 10.56
CA SER A 48 -4.83 -27.97 10.80
C SER A 48 -4.18 -28.01 12.18
N VAL A 49 -3.01 -27.39 12.29
CA VAL A 49 -2.36 -27.23 13.58
C VAL A 49 -3.18 -26.31 14.47
N GLY A 50 -3.87 -25.36 13.83
CA GLY A 50 -4.68 -24.40 14.56
C GLY A 50 -6.16 -24.54 14.25
N GLY A 51 -6.90 -23.44 14.32
CA GLY A 51 -8.34 -23.49 14.12
C GLY A 51 -8.79 -23.10 12.73
N HIS A 52 -7.83 -22.88 11.83
CA HIS A 52 -8.16 -22.48 10.46
C HIS A 52 -7.89 -23.57 9.44
N THR A 53 -8.94 -23.90 8.70
CA THR A 53 -8.87 -24.82 7.57
C THR A 53 -9.08 -23.96 6.33
N ALA A 54 -8.20 -24.07 5.35
CA ALA A 54 -8.23 -23.19 4.18
C ALA A 54 -9.49 -23.42 3.35
N GLU A 55 -9.57 -24.61 2.77
CA GLU A 55 -10.68 -24.99 1.91
C GLU A 55 -12.04 -24.84 2.59
N ARG A 56 -13.06 -24.71 1.76
CA ARG A 56 -14.43 -24.71 2.24
C ARG A 56 -15.25 -25.58 1.31
N VAL A 57 -16.46 -25.88 1.74
CA VAL A 57 -17.39 -26.65 0.92
C VAL A 57 -17.68 -25.95 -0.40
N GLU A 58 -17.97 -26.74 -1.43
CA GLU A 58 -18.50 -26.23 -2.69
C GLU A 58 -19.95 -26.70 -2.82
N HIS A 59 -20.89 -25.75 -2.87
CA HIS A 59 -22.27 -26.09 -3.22
C HIS A 59 -22.44 -25.87 -4.72
N SER A 60 -22.94 -26.87 -5.43
CA SER A 60 -23.26 -26.69 -6.84
C SER A 60 -24.55 -25.88 -6.94
N ASP A 61 -24.89 -25.41 -8.13
CA ASP A 61 -26.16 -24.71 -8.27
C ASP A 61 -27.27 -25.70 -7.98
N MET A 62 -28.40 -25.20 -7.50
CA MET A 62 -29.59 -26.04 -7.47
C MET A 62 -30.26 -25.99 -8.83
N VAL A 63 -30.49 -27.15 -9.43
CA VAL A 63 -30.97 -27.21 -10.81
C VAL A 63 -32.39 -27.76 -10.85
N PHE A 64 -33.27 -27.03 -11.52
CA PHE A 64 -34.68 -27.39 -11.60
C PHE A 64 -35.05 -27.58 -13.06
N VAL A 65 -36.00 -28.46 -13.32
CA VAL A 65 -36.55 -28.58 -14.66
C VAL A 65 -38.04 -28.22 -14.60
N LYS A 66 -38.50 -27.43 -15.57
CA LYS A 66 -39.89 -26.98 -15.59
C LYS A 66 -40.42 -26.95 -17.02
N ASP A 67 -41.73 -27.00 -17.19
CA ASP A 67 -42.29 -26.76 -18.54
C ASP A 67 -42.04 -25.30 -18.95
N LEU A 68 -41.78 -25.08 -20.24
CA LEU A 68 -41.74 -23.70 -20.73
C LEU A 68 -43.11 -23.08 -20.51
N ASP A 69 -43.12 -21.83 -20.06
CA ASP A 69 -44.37 -21.11 -19.80
C ASP A 69 -44.09 -19.61 -19.78
N ALA A 70 -45.05 -18.80 -19.30
CA ALA A 70 -44.90 -17.36 -19.37
C ALA A 70 -43.76 -16.83 -18.50
N THR A 71 -43.28 -17.64 -17.57
CA THR A 71 -42.17 -17.23 -16.73
CA THR A 71 -42.17 -17.22 -16.72
C THR A 71 -40.85 -17.41 -17.46
N SER A 72 -40.85 -18.19 -18.53
CA SER A 72 -39.61 -18.48 -19.25
C SER A 72 -38.83 -17.24 -19.71
N PRO A 73 -39.50 -16.29 -20.41
CA PRO A 73 -38.72 -15.10 -20.80
C PRO A 73 -38.24 -14.33 -19.57
N LYS A 74 -39.00 -14.39 -18.48
CA LYS A 74 -38.60 -13.69 -17.26
C LYS A 74 -37.30 -14.30 -16.72
N LEU A 75 -37.21 -15.62 -16.74
CA LEU A 75 -35.99 -16.31 -16.33
C LEU A 75 -34.83 -15.99 -17.27
N TRP A 76 -35.11 -15.98 -18.58
CA TRP A 76 -34.06 -15.73 -19.56
C TRP A 76 -33.46 -14.34 -19.37
N GLU A 77 -34.32 -13.35 -19.15
CA GLU A 77 -33.82 -12.00 -18.93
C GLU A 77 -33.13 -11.87 -17.58
N ALA A 78 -33.71 -12.46 -16.53
CA ALA A 78 -33.09 -12.38 -15.19
C ALA A 78 -31.71 -13.01 -15.17
N CYS A 79 -31.56 -14.14 -15.86
CA CYS A 79 -30.26 -14.79 -15.98
C CYS A 79 -29.29 -13.87 -16.73
N SER A 80 -29.74 -13.32 -17.85
CA SER A 80 -28.90 -12.45 -18.67
C SER A 80 -28.41 -11.23 -17.90
N ALA A 81 -29.31 -10.63 -17.13
CA ALA A 81 -29.01 -9.41 -16.39
C ALA A 81 -28.25 -9.65 -15.09
N GLY A 82 -28.37 -10.87 -14.56
CA GLY A 82 -27.75 -11.17 -13.28
C GLY A 82 -28.46 -10.51 -12.11
N TYR A 83 -29.79 -10.40 -12.20
CA TYR A 83 -30.56 -9.81 -11.10
C TYR A 83 -30.47 -10.68 -9.86
N THR A 84 -30.33 -10.04 -8.70
CA THR A 84 -30.30 -10.76 -7.43
C THR A 84 -31.66 -10.70 -6.74
N PHE A 85 -32.07 -11.83 -6.19
CA PHE A 85 -33.32 -11.92 -5.45
C PHE A 85 -33.04 -12.08 -3.98
N ASP A 86 -33.82 -11.40 -3.15
CA ASP A 86 -33.60 -11.48 -1.73
C ASP A 86 -33.75 -12.90 -1.23
N GLU A 87 -34.76 -13.60 -1.74
CA GLU A 87 -35.05 -14.97 -1.31
C GLU A 87 -35.76 -15.73 -2.41
N VAL A 88 -35.52 -17.04 -2.46
CA VAL A 88 -36.30 -17.95 -3.30
C VAL A 88 -36.72 -19.10 -2.40
N GLN A 89 -37.99 -19.48 -2.47
CA GLN A 89 -38.46 -20.61 -1.66
C GLN A 89 -38.94 -21.72 -2.58
N ILE A 90 -38.62 -22.96 -2.21
CA ILE A 90 -39.06 -24.13 -2.96
C ILE A 90 -39.77 -25.10 -2.01
N ASP A 91 -41.03 -25.45 -2.34
CA ASP A 91 -41.81 -26.41 -1.54
C ASP A 91 -41.96 -27.71 -2.31
N PHE A 92 -41.69 -28.85 -1.65
CA PHE A 92 -41.77 -30.17 -2.27
C PHE A 92 -42.88 -30.99 -1.62
N TYR A 93 -43.75 -31.60 -2.43
CA TYR A 93 -44.89 -32.38 -1.94
C TYR A 93 -44.88 -33.83 -2.39
N ARG A 94 -45.44 -34.69 -1.53
CA ARG A 94 -45.73 -36.08 -1.92
C ARG A 94 -47.02 -36.49 -1.23
N ALA A 95 -47.54 -37.65 -1.61
CA ALA A 95 -48.73 -38.19 -0.98
C ALA A 95 -48.51 -38.56 0.49
N ASN A 96 -49.55 -38.34 1.30
CA ASN A 96 -49.56 -38.79 2.70
C ASN A 96 -50.93 -39.34 3.04
N GLY A 97 -51.27 -40.47 2.43
CA GLY A 97 -52.58 -41.06 2.60
C GLY A 97 -53.64 -40.21 1.92
N ASP A 98 -54.45 -39.54 2.73
CA ASP A 98 -55.61 -38.79 2.22
C ASP A 98 -55.28 -37.37 1.80
N LYS A 99 -54.16 -36.84 2.24
CA LYS A 99 -53.76 -35.51 1.81
C LYS A 99 -52.28 -35.51 1.53
N ARG A 100 -51.79 -34.45 0.90
CA ARG A 100 -50.37 -34.39 0.59
C ARG A 100 -49.62 -33.82 1.77
N ILE A 101 -48.31 -34.03 1.78
CA ILE A 101 -47.43 -33.46 2.80
C ILE A 101 -46.29 -32.70 2.12
N LYS A 102 -45.94 -31.53 2.65
CA LYS A 102 -44.74 -30.80 2.23
C LYS A 102 -43.57 -31.42 2.96
N TYR A 103 -42.91 -32.39 2.32
CA TYR A 103 -41.88 -33.13 3.02
C TYR A 103 -40.57 -32.35 3.07
N LEU A 104 -40.38 -31.44 2.12
CA LEU A 104 -39.13 -30.69 2.06
C LEU A 104 -39.42 -29.26 1.68
N GLN A 105 -38.76 -28.34 2.38
CA GLN A 105 -38.86 -26.91 2.06
C GLN A 105 -37.45 -26.35 2.02
N ILE A 106 -37.12 -25.62 0.95
CA ILE A 106 -35.80 -25.02 0.85
C ILE A 106 -35.96 -23.50 0.69
N LYS A 107 -35.23 -22.74 1.49
CA LYS A 107 -35.18 -21.30 1.31
C LYS A 107 -33.75 -20.91 0.94
N LEU A 108 -33.61 -20.12 -0.11
CA LEU A 108 -32.31 -19.65 -0.57
C LEU A 108 -32.25 -18.14 -0.41
N LYS A 109 -31.15 -17.63 0.14
CA LYS A 109 -30.99 -16.19 0.39
C LYS A 109 -29.91 -15.60 -0.52
N HIS A 110 -30.24 -14.46 -1.14
CA HIS A 110 -29.34 -13.73 -2.05
C HIS A 110 -29.02 -14.60 -3.27
N VAL A 111 -29.97 -14.63 -4.20
CA VAL A 111 -30.03 -15.67 -5.22
C VAL A 111 -29.95 -15.07 -6.60
N LEU A 112 -29.25 -15.78 -7.49
CA LEU A 112 -29.15 -15.41 -8.90
C LEU A 112 -29.58 -16.61 -9.74
N VAL A 113 -30.17 -16.35 -10.91
CA VAL A 113 -30.36 -17.39 -11.91
C VAL A 113 -29.05 -17.58 -12.66
N SER A 114 -28.42 -18.73 -12.44
CA SER A 114 -27.09 -18.94 -12.98
CA SER A 114 -27.09 -19.02 -12.95
C SER A 114 -27.09 -19.53 -14.38
N SER A 115 -28.19 -20.18 -14.76
CA SER A 115 -28.29 -20.79 -16.09
C SER A 115 -29.73 -21.06 -16.42
N VAL A 116 -30.07 -20.99 -17.70
CA VAL A 116 -31.35 -21.48 -18.19
CA VAL A 116 -31.36 -21.45 -18.20
C VAL A 116 -31.12 -22.17 -19.52
N THR A 117 -31.74 -23.34 -19.68
CA THR A 117 -31.50 -24.16 -20.85
C THR A 117 -32.80 -24.71 -21.42
N PRO A 118 -33.45 -23.92 -22.31
CA PRO A 118 -34.75 -24.30 -22.87
C PRO A 118 -34.65 -25.12 -24.16
N THR A 119 -35.60 -26.04 -24.33
CA THR A 119 -35.69 -26.83 -25.56
C THR A 119 -37.15 -26.98 -25.99
N VAL A 120 -37.36 -26.97 -27.30
CA VAL A 120 -38.62 -27.36 -27.92
C VAL A 120 -38.33 -28.48 -28.87
N ASN A 121 -38.85 -29.66 -28.59
CA ASN A 121 -38.65 -30.80 -29.47
C ASN A 121 -39.86 -31.05 -30.35
N GLU A 122 -39.74 -31.97 -31.32
CA GLU A 122 -40.88 -32.33 -32.17
CA GLU A 122 -40.87 -32.36 -32.17
C GLU A 122 -41.97 -32.94 -31.32
N GLU A 123 -41.58 -33.78 -30.37
CA GLU A 123 -42.51 -34.48 -29.50
C GLU A 123 -42.26 -34.11 -28.05
N GLY A 124 -43.34 -34.07 -27.28
CA GLY A 124 -43.23 -33.77 -25.86
C GLY A 124 -43.42 -32.31 -25.53
N VAL A 125 -43.84 -32.04 -24.30
CA VAL A 125 -44.02 -30.69 -23.79
C VAL A 125 -42.65 -30.03 -23.67
N PRO A 126 -42.49 -28.82 -24.24
CA PRO A 126 -41.22 -28.11 -24.10
C PRO A 126 -40.87 -27.84 -22.65
N THR A 127 -39.60 -27.99 -22.31
CA THR A 127 -39.13 -27.77 -20.95
C THR A 127 -37.81 -26.99 -20.95
N GLU A 128 -37.46 -26.51 -19.77
CA GLU A 128 -36.16 -25.89 -19.59
C GLU A 128 -35.60 -26.30 -18.23
N ALA A 129 -34.27 -26.38 -18.17
CA ALA A 129 -33.58 -26.49 -16.90
C ALA A 129 -33.13 -25.11 -16.51
N PHE A 130 -33.22 -24.79 -15.22
CA PHE A 130 -32.60 -23.56 -14.74
C PHE A 130 -31.87 -23.81 -13.43
N GLY A 131 -30.80 -23.07 -13.24
CA GLY A 131 -29.99 -23.23 -12.04
C GLY A 131 -30.00 -21.98 -11.17
N LEU A 132 -29.94 -22.18 -9.86
CA LEU A 132 -29.88 -21.08 -8.91
C LEU A 132 -28.61 -21.16 -8.09
N LYS A 133 -27.96 -20.00 -7.93
CA LYS A 133 -26.77 -19.84 -7.10
C LYS A 133 -27.15 -18.88 -5.98
N TYR A 134 -26.58 -19.07 -4.78
CA TYR A 134 -27.09 -18.37 -3.60
C TYR A 134 -26.01 -18.18 -2.55
N ALA A 135 -26.26 -17.29 -1.59
CA ALA A 135 -25.32 -17.04 -0.51
C ALA A 135 -25.58 -17.90 0.72
N ALA A 136 -26.84 -18.25 0.97
CA ALA A 136 -27.21 -19.07 2.13
C ALA A 136 -28.44 -19.91 1.87
N VAL A 137 -28.60 -20.98 2.64
CA VAL A 137 -29.72 -21.90 2.46
C VAL A 137 -30.26 -22.41 3.79
N GLU A 138 -31.57 -22.54 3.88
CA GLU A 138 -32.22 -23.18 5.03
C GLU A 138 -33.05 -24.33 4.51
N TRP A 139 -32.77 -25.53 5.02
CA TRP A 139 -33.47 -26.74 4.60
C TRP A 139 -34.36 -27.23 5.74
N THR A 140 -35.62 -27.49 5.42
CA THR A 140 -36.55 -28.03 6.42
C THR A 140 -37.17 -29.33 5.92
N TYR A 141 -37.02 -30.41 6.68
CA TYR A 141 -37.63 -31.68 6.31
C TYR A 141 -38.71 -32.01 7.31
N ASN A 142 -39.91 -32.25 6.81
CA ASN A 142 -41.02 -32.51 7.70
C ASN A 142 -41.26 -33.98 7.93
N GLN A 143 -41.02 -34.40 9.17
CA GLN A 143 -41.11 -35.79 9.58
C GLN A 143 -42.54 -36.22 9.88
N GLN A 144 -42.78 -37.52 9.76
CA GLN A 144 -44.03 -38.08 10.22
C GLN A 144 -43.79 -39.33 11.06
N ASP A 145 -44.73 -39.64 11.94
CA ASP A 145 -44.63 -40.86 12.72
C ASP A 145 -45.09 -42.06 11.89
N ILE A 146 -45.05 -43.24 12.50
CA ILE A 146 -45.40 -44.48 11.81
C ILE A 146 -46.85 -44.46 11.28
N ASN A 147 -47.68 -43.57 11.83
CA ASN A 147 -49.05 -43.43 11.38
C ASN A 147 -49.17 -42.37 10.29
N GLY A 148 -48.03 -41.82 9.88
CA GLY A 148 -48.00 -40.79 8.84
C GLY A 148 -48.33 -39.41 9.37
N THR A 149 -48.62 -39.33 10.67
CA THR A 149 -48.96 -38.07 11.29
C THR A 149 -47.73 -37.20 11.48
N ALA A 150 -47.87 -35.90 11.23
CA ALA A 150 -46.74 -34.98 11.36
C ALA A 150 -46.10 -35.06 12.75
N LYS A 151 -44.80 -35.31 12.76
CA LYS A 151 -43.98 -35.11 13.96
C LYS A 151 -43.16 -33.84 13.72
N GLY A 152 -42.11 -33.65 14.51
CA GLY A 152 -41.33 -32.42 14.42
C GLY A 152 -40.53 -32.25 13.14
N ALA A 153 -40.26 -31.00 12.79
CA ALA A 153 -39.46 -30.70 11.61
C ALA A 153 -37.98 -30.82 11.94
N VAL A 154 -37.17 -31.14 10.92
CA VAL A 154 -35.72 -31.03 11.04
C VAL A 154 -35.29 -29.84 10.21
N THR A 155 -34.69 -28.84 10.85
CA THR A 155 -34.23 -27.65 10.15
C THR A 155 -32.72 -27.51 10.29
N LYS A 156 -32.05 -27.37 9.16
CA LYS A 156 -30.61 -27.17 9.13
C LYS A 156 -30.31 -26.04 8.15
N LYS A 157 -29.10 -25.50 8.20
CA LYS A 157 -28.82 -24.34 7.35
C LYS A 157 -27.34 -24.21 7.10
N TRP A 158 -26.99 -23.44 6.06
CA TRP A 158 -25.60 -23.15 5.78
C TRP A 158 -25.47 -21.81 5.07
N SER A 159 -24.50 -21.01 5.49
CA SER A 159 -24.19 -19.75 4.84
C SER A 159 -22.85 -19.91 4.13
N LEU A 160 -22.88 -19.84 2.80
CA LEU A 160 -21.66 -19.92 2.01
C LEU A 160 -20.87 -18.62 2.14
N SER A 161 -21.56 -17.50 2.35
CA SER A 161 -20.91 -16.21 2.44
C SER A 161 -20.29 -15.96 3.82
N ASN A 162 -20.81 -16.63 4.85
CA ASN A 162 -20.26 -16.51 6.21
C ASN A 162 -19.46 -17.74 6.64
N ASN A 163 -19.62 -18.84 5.91
CA ASN A 163 -18.98 -20.12 6.26
C ASN A 163 -19.36 -20.57 7.66
N THR A 164 -20.66 -20.50 7.96
CA THR A 164 -21.21 -20.90 9.26
C THR A 164 -22.59 -21.49 9.07
N ALA A 165 -23.10 -22.19 10.06
CA ALA A 165 -24.44 -22.78 9.96
C ALA A 165 -25.48 -21.74 10.36
N SER A 166 -25.75 -20.84 9.42
CA SER A 166 -26.69 -19.75 9.64
CA SER A 166 -26.67 -19.73 9.63
C SER A 166 -27.45 -19.48 8.35
N TYR A 167 -28.69 -19.01 8.47
CA TYR A 167 -29.44 -18.59 7.29
C TYR A 167 -29.31 -17.08 7.19
N ALA A 168 -28.15 -16.66 6.72
CA ALA A 168 -27.77 -15.26 6.68
C ALA A 168 -26.77 -15.07 5.57
N ALA A 169 -26.98 -14.04 4.76
CA ALA A 169 -26.05 -13.73 3.68
C ALA A 169 -25.01 -12.73 4.16
N LEU A 170 -25.47 -11.73 4.90
CA LEU A 170 -24.59 -10.67 5.39
C LEU A 170 -23.83 -11.09 6.65
N ALA A 171 -22.78 -10.34 6.99
CA ALA A 171 -21.99 -10.64 8.17
C ALA A 171 -22.74 -10.27 9.45
N ALA B 1 13.55 17.57 8.87
CA ALA B 1 14.73 16.87 8.40
C ALA B 1 14.32 15.57 7.71
N SER B 2 14.83 15.36 6.50
CA SER B 2 14.45 14.21 5.69
C SER B 2 15.41 14.02 4.53
N MET B 3 15.85 12.78 4.31
CA MET B 3 16.75 12.45 3.21
C MET B 3 15.99 11.84 2.04
N LYS B 4 14.67 11.75 2.17
CA LYS B 4 13.84 11.12 1.15
C LYS B 4 12.94 12.15 0.49
N ASP B 5 12.40 11.79 -0.67
CA ASP B 5 11.59 12.71 -1.47
C ASP B 5 10.18 12.22 -1.78
N ILE B 6 9.81 11.06 -1.24
CA ILE B 6 8.47 10.51 -1.47
C ILE B 6 7.90 10.14 -0.10
N TYR B 7 6.65 10.54 0.15
CA TYR B 7 6.02 10.32 1.44
C TYR B 7 4.67 9.65 1.24
N VAL B 8 4.36 8.70 2.12
CA VAL B 8 3.13 7.93 2.05
C VAL B 8 2.38 7.99 3.38
N GLU B 9 1.08 8.21 3.33
CA GLU B 9 0.25 8.18 4.54
C GLU B 9 -0.94 7.24 4.35
N PHE B 10 -1.11 6.30 5.29
CA PHE B 10 -2.28 5.43 5.33
C PHE B 10 -3.38 6.09 6.16
N ARG B 11 -4.64 5.97 5.71
CA ARG B 11 -5.77 6.58 6.37
C ARG B 11 -6.89 5.54 6.45
N GLY B 12 -7.05 4.95 7.63
CA GLY B 12 -8.10 3.98 7.85
C GLY B 12 -8.23 3.66 9.32
N LYS B 13 -9.00 2.63 9.65
CA LYS B 13 -9.20 2.22 11.03
C LYS B 13 -7.92 1.64 11.63
N TYR B 14 -7.19 0.87 10.82
CA TYR B 14 -5.92 0.31 11.26
C TYR B 14 -4.79 1.29 11.00
N LYS B 15 -3.92 1.48 11.99
CA LYS B 15 -2.90 2.51 11.89
C LYS B 15 -1.59 1.95 11.35
N VAL B 16 -1.00 2.66 10.41
CA VAL B 16 0.33 2.35 9.91
C VAL B 16 1.10 3.67 10.01
N ASP B 17 1.26 4.12 11.25
CA ASP B 17 1.87 5.42 11.50
C ASP B 17 3.38 5.38 11.27
N GLY B 18 3.88 6.36 10.52
CA GLY B 18 5.29 6.38 10.13
C GLY B 18 6.17 7.23 11.02
N GLU B 19 7.40 7.44 10.57
CA GLU B 19 8.41 8.09 11.41
C GLU B 19 8.99 9.36 10.83
N SER B 20 8.51 9.78 9.67
CA SER B 20 9.09 10.97 9.04
C SER B 20 9.13 12.19 9.96
N ARG B 21 10.24 12.93 9.89
CA ARG B 21 10.38 14.16 10.66
C ARG B 21 10.22 15.39 9.76
N ASP B 22 9.90 15.16 8.49
CA ASP B 22 9.62 16.26 7.58
C ASP B 22 8.43 17.06 8.11
N SER B 23 8.60 18.37 8.25
CA SER B 23 7.56 19.22 8.86
C SER B 23 6.20 19.06 8.16
N GLU B 24 6.21 18.88 6.85
CA GLU B 24 4.98 18.77 6.08
C GLU B 24 4.40 17.35 6.05
N HIS B 25 5.17 16.39 6.55
CA HIS B 25 4.73 15.00 6.53
C HIS B 25 5.08 14.29 7.82
N LYS B 26 4.86 14.97 8.95
CA LYS B 26 5.12 14.38 10.25
C LYS B 26 4.35 13.08 10.44
N GLY B 27 5.08 11.99 10.70
CA GLY B 27 4.45 10.70 10.91
C GLY B 27 4.08 9.94 9.65
N TRP B 28 4.41 10.49 8.49
CA TRP B 28 4.22 9.74 7.25
C TRP B 28 5.35 8.72 7.10
N LEU B 29 5.17 7.77 6.19
CA LEU B 29 6.26 6.89 5.78
C LEU B 29 7.12 7.63 4.77
N GLU B 30 8.43 7.42 4.83
CA GLU B 30 9.32 7.89 3.77
C GLU B 30 9.67 6.71 2.88
N VAL B 31 9.59 6.91 1.57
CA VAL B 31 9.95 5.83 0.65
C VAL B 31 10.98 6.28 -0.40
N ASN B 32 11.59 5.29 -1.06
CA ASN B 32 12.76 5.51 -1.87
C ASN B 32 12.44 5.57 -3.38
N SER B 33 11.40 4.85 -3.78
CA SER B 33 11.07 4.69 -5.20
C SER B 33 9.66 4.17 -5.38
N TRP B 34 9.16 4.28 -6.62
CA TRP B 34 7.79 3.90 -6.95
C TRP B 34 7.79 3.37 -8.37
N SER B 35 6.93 2.39 -8.63
CA SER B 35 6.74 1.92 -10.00
C SER B 35 5.31 1.42 -10.16
N HIS B 36 4.81 1.48 -11.38
CA HIS B 36 3.43 1.08 -11.67
C HIS B 36 3.35 0.55 -13.09
N ASN B 37 2.19 0.01 -13.46
CA ASN B 37 1.98 -0.54 -14.80
C ASN B 37 0.48 -0.54 -15.04
N ILE B 38 0.07 -0.10 -16.22
CA ILE B 38 -1.34 -0.04 -16.60
C ILE B 38 -1.42 -0.65 -17.99
N ARG B 39 -2.31 -1.63 -18.18
CA ARG B 39 -2.39 -2.34 -19.46
C ARG B 39 -3.83 -2.42 -19.94
N GLN B 40 -4.07 -1.94 -21.15
CA GLN B 40 -5.39 -1.87 -21.76
C GLN B 40 -5.48 -2.84 -22.93
N PRO B 41 -6.33 -3.88 -22.81
CA PRO B 41 -6.40 -4.93 -23.85
C PRO B 41 -7.28 -4.57 -25.04
N LYS B 42 -8.03 -3.48 -24.95
CA LYS B 42 -8.95 -3.06 -26.02
C LYS B 42 -8.30 -3.07 -27.40
N SER B 43 -9.01 -3.62 -28.38
CA SER B 43 -8.50 -3.73 -29.74
C SER B 43 -8.63 -2.42 -30.52
N ALA B 44 -7.67 -2.16 -31.40
CA ALA B 44 -7.76 -1.02 -32.31
C ALA B 44 -8.28 -1.41 -33.70
N THR B 45 -8.50 -2.71 -33.94
CA THR B 45 -8.93 -3.17 -35.27
C THR B 45 -10.32 -3.83 -35.28
N SER B 46 -10.90 -4.01 -34.11
CA SER B 46 -12.30 -4.42 -34.03
C SER B 46 -12.96 -3.57 -32.97
N SER B 47 -14.26 -3.37 -33.09
CA SER B 47 -15.00 -2.60 -32.11
CA SER B 47 -15.02 -2.58 -32.14
C SER B 47 -16.34 -3.25 -31.85
N SER B 48 -16.91 -2.98 -30.68
CA SER B 48 -18.20 -3.53 -30.34
C SER B 48 -19.26 -2.95 -31.28
N VAL B 49 -20.22 -3.77 -31.69
CA VAL B 49 -21.28 -3.24 -32.51
CA VAL B 49 -21.36 -3.34 -32.47
C VAL B 49 -22.17 -2.33 -31.66
N GLY B 50 -22.16 -2.54 -30.35
CA GLY B 50 -22.92 -1.72 -29.43
C GLY B 50 -22.03 -0.91 -28.49
N GLY B 51 -22.57 -0.53 -27.34
CA GLY B 51 -21.84 0.31 -26.39
C GLY B 51 -21.05 -0.46 -25.35
N HIS B 52 -21.13 -1.79 -25.40
CA HIS B 52 -20.44 -2.61 -24.42
C HIS B 52 -19.13 -3.21 -24.95
N THR B 53 -18.01 -2.84 -24.32
CA THR B 53 -16.73 -3.48 -24.59
C THR B 53 -16.37 -4.36 -23.39
N ALA B 54 -16.14 -5.65 -23.66
CA ALA B 54 -15.97 -6.65 -22.62
C ALA B 54 -14.76 -6.41 -21.72
N GLU B 55 -13.58 -6.44 -22.33
CA GLU B 55 -12.33 -6.29 -21.58
C GLU B 55 -12.23 -4.94 -20.89
N ARG B 56 -11.58 -4.93 -19.73
CA ARG B 56 -11.29 -3.69 -19.04
C ARG B 56 -9.80 -3.59 -18.78
N VAL B 57 -9.36 -2.40 -18.38
CA VAL B 57 -7.95 -2.17 -18.08
C VAL B 57 -7.51 -3.01 -16.90
N GLU B 58 -6.22 -3.37 -16.87
CA GLU B 58 -5.62 -3.95 -15.68
C GLU B 58 -4.62 -2.95 -15.09
N HIS B 59 -4.85 -2.54 -13.85
CA HIS B 59 -3.84 -1.79 -13.11
C HIS B 59 -3.03 -2.77 -12.28
N SER B 60 -1.71 -2.74 -12.43
CA SER B 60 -0.84 -3.53 -11.58
C SER B 60 -0.81 -2.87 -10.21
N ASP B 61 -0.29 -3.57 -9.20
CA ASP B 61 -0.12 -2.92 -7.90
C ASP B 61 0.86 -1.77 -8.05
N MET B 62 0.68 -0.75 -7.24
CA MET B 62 1.72 0.26 -7.10
C MET B 62 2.77 -0.25 -6.13
N VAL B 63 4.01 -0.31 -6.59
CA VAL B 63 5.09 -0.90 -5.81
C VAL B 63 6.07 0.16 -5.33
N PHE B 64 6.33 0.16 -4.02
CA PHE B 64 7.22 1.13 -3.40
C PHE B 64 8.37 0.40 -2.73
N VAL B 65 9.53 1.04 -2.64
CA VAL B 65 10.62 0.48 -1.87
C VAL B 65 10.94 1.47 -0.75
N LYS B 66 11.19 0.97 0.46
CA LYS B 66 11.50 1.83 1.61
C LYS B 66 12.55 1.16 2.49
N ASP B 67 13.22 1.94 3.35
CA ASP B 67 14.11 1.32 4.34
C ASP B 67 13.25 0.60 5.37
N LEU B 68 13.75 -0.51 5.91
CA LEU B 68 13.10 -1.13 7.07
C LEU B 68 13.09 -0.12 8.21
N ASP B 69 11.97 -0.08 8.92
CA ASP B 69 11.84 0.81 10.08
C ASP B 69 10.67 0.31 10.93
N ALA B 70 10.26 1.11 11.92
CA ALA B 70 9.22 0.67 12.84
C ALA B 70 7.87 0.42 12.18
N THR B 71 7.69 0.92 10.96
CA THR B 71 6.43 0.66 10.26
CA THR B 71 6.47 0.70 10.21
C THR B 71 6.44 -0.70 9.59
N SER B 72 7.63 -1.30 9.46
CA SER B 72 7.73 -2.59 8.78
C SER B 72 6.83 -3.69 9.38
N PRO B 73 6.88 -3.91 10.70
CA PRO B 73 5.97 -4.96 11.20
C PRO B 73 4.49 -4.58 11.02
N LYS B 74 4.19 -3.27 11.03
CA LYS B 74 2.83 -2.85 10.77
C LYS B 74 2.40 -3.21 9.35
N LEU B 75 3.28 -3.00 8.38
CA LEU B 75 2.98 -3.44 7.02
C LEU B 75 2.84 -4.95 6.92
N TRP B 76 3.73 -5.69 7.59
CA TRP B 76 3.71 -7.15 7.52
C TRP B 76 2.41 -7.71 8.07
N GLU B 77 1.94 -7.14 9.18
CA GLU B 77 0.67 -7.59 9.77
C GLU B 77 -0.52 -7.15 8.91
N ALA B 78 -0.48 -5.91 8.41
CA ALA B 78 -1.58 -5.40 7.58
C ALA B 78 -1.73 -6.21 6.31
N CYS B 79 -0.61 -6.58 5.69
CA CYS B 79 -0.63 -7.45 4.52
C CYS B 79 -1.21 -8.82 4.88
N SER B 80 -0.74 -9.40 5.98
CA SER B 80 -1.19 -10.72 6.41
C SER B 80 -2.69 -10.76 6.67
N ALA B 81 -3.20 -9.72 7.32
CA ALA B 81 -4.60 -9.67 7.71
C ALA B 81 -5.52 -9.20 6.58
N GLY B 82 -4.95 -8.48 5.61
CA GLY B 82 -5.76 -7.96 4.53
C GLY B 82 -6.64 -6.81 4.96
N TYR B 83 -6.15 -5.98 5.89
CA TYR B 83 -6.91 -4.80 6.29
C TYR B 83 -7.09 -3.84 5.12
N THR B 84 -8.27 -3.26 5.00
CA THR B 84 -8.50 -2.27 3.96
CA THR B 84 -8.56 -2.28 3.96
C THR B 84 -8.45 -0.86 4.55
N PHE B 85 -7.83 0.05 3.80
CA PHE B 85 -7.69 1.44 4.23
C PHE B 85 -8.58 2.32 3.37
N ASP B 86 -9.22 3.30 3.99
CA ASP B 86 -10.09 4.20 3.25
C ASP B 86 -9.33 4.95 2.16
N GLU B 87 -8.13 5.42 2.51
CA GLU B 87 -7.33 6.17 1.55
C GLU B 87 -5.85 6.05 1.86
N VAL B 88 -5.03 6.07 0.82
CA VAL B 88 -3.59 6.21 0.97
C VAL B 88 -3.16 7.34 0.05
N GLN B 89 -2.34 8.26 0.56
CA GLN B 89 -1.84 9.36 -0.25
C GLN B 89 -0.32 9.27 -0.37
N ILE B 90 0.18 9.53 -1.57
CA ILE B 90 1.61 9.55 -1.84
C ILE B 90 2.00 10.89 -2.46
N ASP B 91 2.95 11.59 -1.83
CA ASP B 91 3.45 12.88 -2.30
C ASP B 91 4.87 12.72 -2.83
N PHE B 92 5.13 13.21 -4.05
CA PHE B 92 6.47 13.13 -4.67
C PHE B 92 7.09 14.52 -4.82
N TYR B 93 8.34 14.67 -4.37
CA TYR B 93 9.03 15.97 -4.38
C TYR B 93 10.29 16.00 -5.24
N ARG B 94 10.58 17.18 -5.77
CA ARG B 94 11.87 17.46 -6.39
C ARG B 94 12.33 18.86 -5.99
N ALA B 95 13.64 19.08 -6.00
CA ALA B 95 14.18 20.40 -5.68
C ALA B 95 14.57 21.14 -6.95
N LYS B 99 12.26 26.47 -4.13
CA LYS B 99 12.51 25.53 -3.04
C LYS B 99 12.33 24.09 -3.55
N ARG B 100 11.50 23.32 -2.87
CA ARG B 100 11.11 22.02 -3.40
C ARG B 100 9.67 22.09 -3.83
N ILE B 101 9.30 21.28 -4.82
CA ILE B 101 7.94 21.30 -5.33
C ILE B 101 7.37 19.89 -5.35
N LYS B 102 6.10 19.77 -4.97
CA LYS B 102 5.41 18.50 -5.07
C LYS B 102 4.96 18.35 -6.51
N TYR B 103 5.73 17.62 -7.31
CA TYR B 103 5.40 17.48 -8.73
C TYR B 103 4.31 16.45 -9.00
N LEU B 104 4.15 15.48 -8.10
CA LEU B 104 3.16 14.44 -8.30
C LEU B 104 2.50 14.06 -6.97
N GLN B 105 1.19 13.90 -7.01
CA GLN B 105 0.43 13.47 -5.85
C GLN B 105 -0.49 12.35 -6.30
N ILE B 106 -0.51 11.25 -5.57
CA ILE B 106 -1.39 10.13 -5.89
C ILE B 106 -2.27 9.83 -4.69
N LYS B 107 -3.59 9.79 -4.90
CA LYS B 107 -4.50 9.35 -3.84
C LYS B 107 -5.14 8.03 -4.26
N LEU B 108 -5.13 7.06 -3.35
CA LEU B 108 -5.71 5.74 -3.63
C LEU B 108 -6.87 5.52 -2.67
N LYS B 109 -8.00 5.02 -3.18
CA LYS B 109 -9.19 4.80 -2.38
C LYS B 109 -9.50 3.31 -2.24
N HIS B 110 -9.77 2.88 -1.01
CA HIS B 110 -10.11 1.48 -0.69
C HIS B 110 -8.92 0.60 -1.02
N VAL B 111 -7.95 0.58 -0.10
CA VAL B 111 -6.61 0.11 -0.42
C VAL B 111 -6.21 -1.03 0.48
N LEU B 112 -5.46 -1.97 -0.06
CA LEU B 112 -4.84 -2.94 0.81
CA LEU B 112 -4.90 -3.09 0.68
C LEU B 112 -3.40 -3.15 0.42
N VAL B 113 -2.62 -3.64 1.39
CA VAL B 113 -1.24 -3.97 1.14
C VAL B 113 -1.21 -5.36 0.52
N SER B 114 -0.86 -5.43 -0.76
CA SER B 114 -0.94 -6.71 -1.47
CA SER B 114 -0.91 -6.66 -1.55
C SER B 114 0.32 -7.55 -1.35
N SER B 115 1.44 -6.93 -1.00
CA SER B 115 2.70 -7.67 -0.85
C SER B 115 3.70 -6.86 -0.03
N VAL B 116 4.58 -7.56 0.68
CA VAL B 116 5.73 -6.91 1.32
C VAL B 116 6.89 -7.88 1.25
N THR B 117 8.06 -7.37 0.88
CA THR B 117 9.22 -8.22 0.62
C THR B 117 10.47 -7.60 1.26
N PRO B 118 10.70 -7.91 2.55
CA PRO B 118 11.82 -7.31 3.28
C PRO B 118 13.12 -8.10 3.13
N THR B 119 14.25 -7.39 3.14
CA THR B 119 15.56 -8.03 3.12
C THR B 119 16.53 -7.32 4.04
N VAL B 120 17.35 -8.11 4.73
CA VAL B 120 18.53 -7.59 5.42
C VAL B 120 19.72 -8.25 4.76
N ASN B 121 20.47 -7.48 3.99
CA ASN B 121 21.59 -8.02 3.25
C ASN B 121 22.85 -7.96 4.07
N GLU B 122 23.89 -8.62 3.60
CA GLU B 122 25.15 -8.63 4.32
C GLU B 122 25.72 -7.21 4.32
N GLU B 123 25.52 -6.50 3.21
CA GLU B 123 25.94 -5.10 3.11
C GLU B 123 24.75 -4.20 2.82
N GLY B 124 24.80 -2.98 3.33
CA GLY B 124 23.83 -1.97 2.93
C GLY B 124 22.62 -1.86 3.84
N VAL B 125 21.86 -0.78 3.66
CA VAL B 125 20.69 -0.50 4.48
C VAL B 125 19.59 -1.51 4.18
N PRO B 126 19.00 -2.11 5.24
CA PRO B 126 17.85 -3.01 5.02
C PRO B 126 16.67 -2.29 4.39
N THR B 127 16.04 -2.92 3.40
CA THR B 127 14.91 -2.32 2.69
C THR B 127 13.83 -3.34 2.45
N GLU B 128 12.66 -2.85 2.07
CA GLU B 128 11.59 -3.74 1.66
C GLU B 128 10.81 -3.11 0.53
N ALA B 129 10.27 -3.95 -0.34
CA ALA B 129 9.31 -3.48 -1.33
C ALA B 129 7.94 -3.81 -0.80
N PHE B 130 6.98 -2.92 -1.05
CA PHE B 130 5.59 -3.24 -0.74
C PHE B 130 4.67 -2.78 -1.84
N GLY B 131 3.61 -3.55 -2.08
CA GLY B 131 2.66 -3.22 -3.13
C GLY B 131 1.31 -2.85 -2.57
N LEU B 132 0.63 -1.92 -3.23
CA LEU B 132 -0.71 -1.52 -2.84
C LEU B 132 -1.68 -1.79 -3.97
N LYS B 133 -2.83 -2.36 -3.63
CA LYS B 133 -3.92 -2.66 -4.57
C LYS B 133 -5.11 -1.80 -4.12
N TYR B 134 -5.90 -1.29 -5.07
CA TYR B 134 -6.90 -0.25 -4.72
C TYR B 134 -8.12 -0.29 -5.64
N ALA B 135 -9.19 0.39 -5.25
CA ALA B 135 -10.40 0.44 -6.06
C ALA B 135 -10.46 1.66 -6.96
N ALA B 136 -9.80 2.74 -6.55
CA ALA B 136 -9.81 3.97 -7.36
C ALA B 136 -8.57 4.81 -7.09
N VAL B 137 -8.22 5.64 -8.07
CA VAL B 137 -7.02 6.46 -7.97
C VAL B 137 -7.28 7.86 -8.54
N GLU B 138 -6.69 8.85 -7.89
CA GLU B 138 -6.67 10.22 -8.42
C GLU B 138 -5.23 10.66 -8.53
N TRP B 139 -4.82 11.08 -9.73
CA TRP B 139 -3.45 11.51 -9.98
C TRP B 139 -3.41 13.01 -10.22
N THR B 140 -2.51 13.71 -9.52
CA THR B 140 -2.33 15.14 -9.74
C THR B 140 -0.88 15.47 -10.06
N TYR B 141 -0.63 16.13 -11.19
CA TYR B 141 0.72 16.53 -11.54
C TYR B 141 0.78 18.06 -11.51
N ASN B 142 1.72 18.59 -10.74
CA ASN B 142 1.85 20.03 -10.60
C ASN B 142 2.99 20.56 -11.47
N GLN B 143 2.68 21.52 -12.33
CA GLN B 143 3.62 21.99 -13.33
C GLN B 143 4.71 22.90 -12.76
N GLY B 152 -0.60 25.59 -12.90
CA GLY B 152 -1.91 24.97 -13.08
C GLY B 152 -1.82 23.46 -13.12
N ALA B 153 -2.46 22.80 -12.15
CA ALA B 153 -2.32 21.36 -11.99
C ALA B 153 -3.12 20.54 -13.01
N VAL B 154 -2.62 19.34 -13.33
CA VAL B 154 -3.36 18.39 -14.15
C VAL B 154 -3.85 17.27 -13.23
N THR B 155 -5.17 17.14 -13.14
CA THR B 155 -5.77 16.11 -12.30
C THR B 155 -6.56 15.14 -13.14
N LYS B 156 -6.27 13.85 -13.01
CA LYS B 156 -6.97 12.82 -13.74
C LYS B 156 -7.32 11.71 -12.76
N LYS B 157 -8.23 10.83 -13.12
CA LYS B 157 -8.62 9.78 -12.18
C LYS B 157 -9.20 8.56 -12.86
N TRP B 158 -9.21 7.45 -12.13
CA TRP B 158 -9.84 6.25 -12.63
C TRP B 158 -10.39 5.40 -11.50
N SER B 159 -11.60 4.88 -11.69
CA SER B 159 -12.20 3.96 -10.73
C SER B 159 -12.24 2.57 -11.34
N LEU B 160 -11.49 1.65 -10.73
CA LEU B 160 -11.48 0.26 -11.18
C LEU B 160 -12.77 -0.45 -10.82
N SER B 161 -13.39 -0.04 -9.70
CA SER B 161 -14.61 -0.68 -9.23
C SER B 161 -15.84 -0.20 -10.00
N ASN B 162 -15.78 1.01 -10.54
CA ASN B 162 -16.89 1.56 -11.32
C ASN B 162 -16.62 1.58 -12.83
N ASN B 163 -15.36 1.39 -13.20
CA ASN B 163 -14.92 1.45 -14.60
C ASN B 163 -15.28 2.78 -15.26
N THR B 164 -14.99 3.87 -14.54
CA THR B 164 -15.24 5.22 -15.05
C THR B 164 -14.15 6.14 -14.55
N ALA B 165 -14.05 7.32 -15.16
CA ALA B 165 -13.07 8.31 -14.72
C ALA B 165 -13.58 9.08 -13.51
N SER B 166 -13.52 8.44 -12.35
CA SER B 166 -13.96 9.08 -11.11
C SER B 166 -13.10 8.60 -9.93
N TYR B 167 -12.99 9.45 -8.91
CA TYR B 167 -12.29 9.05 -7.70
C TYR B 167 -13.33 8.59 -6.69
N ALA B 168 -13.79 7.37 -6.91
CA ALA B 168 -14.90 6.81 -6.14
C ALA B 168 -14.77 5.31 -6.20
N ALA B 169 -14.97 4.66 -5.07
CA ALA B 169 -14.89 3.20 -5.00
C ALA B 169 -16.29 2.65 -5.04
N LEU B 170 -17.21 3.35 -4.38
CA LEU B 170 -18.60 2.92 -4.35
C LEU B 170 -19.38 3.36 -5.59
N ALA B 171 -20.52 2.70 -5.84
CA ALA B 171 -21.37 3.04 -6.98
C ALA B 171 -22.06 4.39 -6.78
N MET C 3 52.38 29.39 16.38
CA MET C 3 52.85 29.06 15.05
C MET C 3 51.72 28.59 14.12
N LYS C 4 50.79 27.82 14.66
CA LYS C 4 49.67 27.32 13.89
C LYS C 4 48.60 28.39 13.73
N ASP C 5 47.80 28.26 12.66
CA ASP C 5 46.81 29.28 12.32
C ASP C 5 45.41 28.74 12.08
N ILE C 6 45.23 27.43 12.23
CA ILE C 6 43.91 26.83 12.07
C ILE C 6 43.62 26.03 13.33
N TYR C 7 42.45 26.26 13.92
CA TYR C 7 42.08 25.60 15.18
C TYR C 7 40.74 24.88 15.06
N VAL C 8 40.67 23.68 15.65
CA VAL C 8 39.47 22.84 15.57
C VAL C 8 39.00 22.48 16.98
N GLU C 9 37.70 22.63 17.26
CA GLU C 9 37.14 22.18 18.52
C GLU C 9 35.98 21.23 18.28
N PHE C 10 36.03 20.07 18.93
CA PHE C 10 34.92 19.12 18.91
C PHE C 10 34.02 19.37 20.11
N ARG C 11 32.71 19.39 19.87
CA ARG C 11 31.74 19.66 20.93
C ARG C 11 30.69 18.57 20.97
N GLY C 12 30.66 17.81 22.05
CA GLY C 12 29.69 16.75 22.16
C GLY C 12 29.91 15.93 23.40
N LYS C 13 29.14 14.85 23.51
CA LYS C 13 29.23 13.95 24.65
C LYS C 13 30.60 13.28 24.71
N TYR C 14 31.11 12.91 23.55
CA TYR C 14 32.43 12.31 23.44
C TYR C 14 33.49 13.40 23.30
N LYS C 15 34.58 13.26 24.05
CA LYS C 15 35.59 14.32 24.07
C LYS C 15 36.80 14.02 23.21
N VAL C 16 37.22 15.03 22.44
CA VAL C 16 38.46 14.97 21.66
C VAL C 16 39.21 16.26 21.97
N ASP C 17 39.65 16.41 23.20
CA ASP C 17 40.29 17.67 23.61
C ASP C 17 41.72 17.77 23.09
N GLY C 18 42.04 18.94 22.54
CA GLY C 18 43.34 19.19 21.92
C GLY C 18 44.35 19.74 22.89
N GLU C 19 45.50 20.18 22.38
CA GLU C 19 46.55 20.67 23.25
C GLU C 19 47.02 22.10 22.96
N SER C 20 46.24 22.86 22.20
CA SER C 20 46.63 24.25 21.91
C SER C 20 46.79 25.08 23.18
N ARG C 21 47.82 25.93 23.19
CA ARG C 21 48.05 26.86 24.29
C ARG C 21 47.70 28.28 23.87
N ASP C 22 47.08 28.44 22.70
CA ASP C 22 46.63 29.76 22.27
C ASP C 22 45.56 30.26 23.24
N SER C 23 45.71 31.50 23.71
CA SER C 23 44.83 32.03 24.75
C SER C 23 43.36 32.03 24.35
N GLU C 24 43.09 32.07 23.05
CA GLU C 24 41.74 32.11 22.52
C GLU C 24 41.23 30.73 22.11
N HIS C 25 42.11 29.72 22.16
CA HIS C 25 41.74 28.38 21.72
C HIS C 25 42.33 27.33 22.63
N LYS C 26 42.26 27.60 23.93
CA LYS C 26 42.77 26.67 24.94
C LYS C 26 42.11 25.31 24.76
N GLY C 27 42.93 24.28 24.53
CA GLY C 27 42.41 22.92 24.41
C GLY C 27 41.84 22.56 23.06
N TRP C 28 41.89 23.48 22.10
CA TRP C 28 41.48 23.13 20.75
C TRP C 28 42.61 22.36 20.08
N LEU C 29 42.30 21.69 18.97
CA LEU C 29 43.34 21.10 18.13
C LEU C 29 43.95 22.16 17.22
N GLU C 30 45.26 22.10 17.02
CA GLU C 30 45.90 22.94 16.02
C GLU C 30 46.15 22.08 14.78
N VAL C 31 45.73 22.57 13.61
CA VAL C 31 45.92 21.82 12.37
C VAL C 31 46.63 22.67 11.34
N ASN C 32 47.08 22.02 10.25
CA ASN C 32 48.04 22.62 9.32
C ASN C 32 47.42 23.08 8.02
N SER C 33 46.36 22.40 7.59
CA SER C 33 45.78 22.67 6.28
C SER C 33 44.39 22.10 6.19
N TRP C 34 43.66 22.52 5.16
CA TRP C 34 42.27 22.14 4.98
C TRP C 34 41.94 22.06 3.50
N SER C 35 41.10 21.10 3.15
CA SER C 35 40.57 21.05 1.78
C SER C 35 39.15 20.51 1.78
N HIS C 36 38.40 20.89 0.76
CA HIS C 36 37.01 20.47 0.63
C HIS C 36 36.63 20.43 -0.84
N ASN C 37 35.43 19.93 -1.12
CA ASN C 37 34.93 19.80 -2.48
C ASN C 37 33.41 19.74 -2.39
N ILE C 38 32.74 20.49 -3.27
CA ILE C 38 31.30 20.50 -3.32
C ILE C 38 30.92 20.30 -4.78
N ARG C 39 30.04 19.34 -5.07
CA ARG C 39 29.70 18.99 -6.44
C ARG C 39 28.18 18.94 -6.65
N GLN C 40 27.70 19.77 -7.58
CA GLN C 40 26.27 19.89 -7.86
C GLN C 40 25.97 19.29 -9.22
N PRO C 41 25.18 18.21 -9.26
CA PRO C 41 24.94 17.47 -10.52
C PRO C 41 23.85 18.07 -11.41
N LYS C 42 23.13 19.06 -10.91
CA LYS C 42 22.00 19.65 -11.63
C LYS C 42 22.37 20.05 -13.06
N SER C 43 21.51 19.69 -14.00
CA SER C 43 21.70 20.04 -15.42
C SER C 43 21.19 21.45 -15.72
N ALA C 44 22.04 22.28 -16.32
CA ALA C 44 21.61 23.62 -16.72
C ALA C 44 20.73 23.58 -17.96
N THR C 45 21.03 22.67 -18.89
CA THR C 45 20.20 22.59 -20.09
C THR C 45 18.80 22.09 -19.75
N SER C 46 18.71 21.10 -18.87
CA SER C 46 17.40 20.60 -18.45
CA SER C 46 17.40 20.60 -18.45
C SER C 46 16.65 21.67 -17.66
N SER C 47 17.37 22.35 -16.77
CA SER C 47 16.78 23.43 -15.98
C SER C 47 16.22 24.54 -16.89
N SER C 48 16.94 24.85 -17.96
CA SER C 48 16.53 25.92 -18.87
C SER C 48 15.23 25.63 -19.61
N VAL C 49 14.90 24.34 -19.77
CA VAL C 49 13.68 23.94 -20.45
C VAL C 49 12.61 23.43 -19.49
N GLY C 50 12.84 23.64 -18.19
CA GLY C 50 11.89 23.24 -17.17
C GLY C 50 11.92 21.75 -16.91
N GLY C 51 13.02 21.12 -17.27
CA GLY C 51 13.14 19.67 -17.21
C GLY C 51 13.33 19.13 -15.82
N HIS C 52 13.10 17.82 -15.67
CA HIS C 52 13.23 17.21 -14.35
C HIS C 52 14.67 17.20 -13.85
N THR C 53 14.88 17.89 -12.74
CA THR C 53 16.18 17.95 -12.11
C THR C 53 16.13 17.13 -10.79
N ALA C 54 16.76 15.97 -10.81
CA ALA C 54 16.69 15.03 -9.68
C ALA C 54 17.75 15.34 -8.64
N GLU C 55 18.91 15.78 -9.12
CA GLU C 55 19.80 16.64 -8.35
C GLU C 55 20.29 16.08 -7.00
N ARG C 56 20.42 17.01 -6.04
CA ARG C 56 21.07 16.84 -4.73
C ARG C 56 22.60 16.93 -4.76
N VAL C 57 23.10 18.01 -4.15
CA VAL C 57 24.53 18.27 -4.07
C VAL C 57 25.24 17.16 -3.29
N GLU C 58 26.52 16.95 -3.61
CA GLU C 58 27.37 16.10 -2.80
C GLU C 58 28.44 16.94 -2.16
N HIS C 59 28.46 16.99 -0.83
CA HIS C 59 29.58 17.60 -0.11
C HIS C 59 30.58 16.50 0.20
N SER C 60 31.84 16.72 -0.18
CA SER C 60 32.88 15.78 0.22
C SER C 60 33.21 15.99 1.68
N ASP C 61 33.98 15.09 2.27
CA ASP C 61 34.41 15.31 3.65
C ASP C 61 35.32 16.54 3.69
N MET C 62 35.31 17.24 4.83
CA MET C 62 36.34 18.26 5.03
C MET C 62 37.57 17.55 5.55
N VAL C 63 38.70 17.76 4.87
CA VAL C 63 39.91 17.03 5.19
C VAL C 63 40.98 17.97 5.74
N PHE C 64 41.53 17.60 6.90
CA PHE C 64 42.53 18.41 7.58
C PHE C 64 43.80 17.60 7.75
N VAL C 65 44.94 18.28 7.76
CA VAL C 65 46.21 17.64 8.09
C VAL C 65 46.72 18.26 9.39
N LYS C 66 47.20 17.43 10.32
CA LYS C 66 47.74 17.94 11.58
C LYS C 66 48.95 17.12 11.98
N ASP C 67 49.77 17.67 12.87
CA ASP C 67 50.86 16.86 13.43
C ASP C 67 50.28 15.77 14.33
N LEU C 68 50.91 14.60 14.35
CA LEU C 68 50.53 13.59 15.34
C LEU C 68 50.75 14.16 16.73
N ASP C 69 49.83 13.87 17.64
CA ASP C 69 49.94 14.35 19.00
C ASP C 69 49.03 13.55 19.91
N ALA C 70 48.85 14.02 21.14
CA ALA C 70 48.07 13.27 22.11
C ALA C 70 46.60 13.12 21.70
N THR C 71 46.14 13.95 20.77
CA THR C 71 44.78 13.87 20.25
CA THR C 71 44.77 13.80 20.31
C THR C 71 44.65 12.73 19.24
N SER C 72 45.77 12.27 18.71
CA SER C 72 45.72 11.28 17.64
C SER C 72 44.97 9.98 18.02
N PRO C 73 45.32 9.33 19.14
CA PRO C 73 44.53 8.14 19.49
C PRO C 73 43.05 8.44 19.73
N LYS C 74 42.74 9.66 20.16
CA LYS C 74 41.34 10.05 20.34
C LYS C 74 40.63 10.05 18.98
N LEU C 75 41.28 10.59 17.95
CA LEU C 75 40.72 10.57 16.60
C LEU C 75 40.60 9.14 16.06
N TRP C 76 41.62 8.32 16.30
CA TRP C 76 41.60 6.94 15.81
C TRP C 76 40.44 6.16 16.43
N GLU C 77 40.22 6.33 17.72
CA GLU C 77 39.10 5.64 18.36
C GLU C 77 37.75 6.22 17.92
N ALA C 78 37.67 7.55 17.83
CA ALA C 78 36.43 8.20 17.42
C ALA C 78 36.02 7.79 16.02
N CYS C 79 36.99 7.70 15.12
CA CYS C 79 36.73 7.22 13.77
C CYS C 79 36.26 5.78 13.81
N SER C 80 36.94 4.94 14.60
CA SER C 80 36.60 3.52 14.67
C SER C 80 35.18 3.30 15.18
N ALA C 81 34.79 4.08 16.18
CA ALA C 81 33.48 3.89 16.82
C ALA C 81 32.39 4.60 16.04
N GLY C 82 32.78 5.61 15.28
CA GLY C 82 31.79 6.45 14.62
C GLY C 82 30.99 7.32 15.58
N TYR C 83 31.63 7.81 16.64
CA TYR C 83 30.95 8.73 17.55
C TYR C 83 30.51 9.97 16.80
N THR C 84 29.33 10.48 17.11
CA THR C 84 28.89 11.74 16.52
C THR C 84 29.06 12.89 17.49
N PHE C 85 29.36 14.05 16.94
CA PHE C 85 29.56 15.27 17.72
C PHE C 85 28.49 16.28 17.37
N ASP C 86 27.92 16.94 18.38
CA ASP C 86 26.88 17.94 18.14
C ASP C 86 27.36 19.02 17.20
N GLU C 87 28.60 19.49 17.40
CA GLU C 87 29.18 20.55 16.59
C GLU C 87 30.70 20.45 16.58
N VAL C 88 31.29 20.83 15.45
CA VAL C 88 32.74 21.04 15.36
C VAL C 88 32.95 22.42 14.75
N GLN C 89 33.81 23.22 15.39
CA GLN C 89 34.10 24.55 14.85
C GLN C 89 35.54 24.62 14.40
N ILE C 90 35.78 25.29 13.28
CA ILE C 90 37.13 25.47 12.76
C ILE C 90 37.36 26.97 12.53
N ASP C 91 38.41 27.51 13.13
CA ASP C 91 38.77 28.93 13.00
C ASP C 91 40.05 29.05 12.18
N PHE C 92 40.04 29.91 11.15
CA PHE C 92 41.21 30.10 10.27
C PHE C 92 41.76 31.51 10.44
N TYR C 93 43.07 31.61 10.71
CA TYR C 93 43.70 32.92 10.92
C TYR C 93 44.80 33.27 9.89
N ARG C 94 45.00 34.56 9.68
CA ARG C 94 46.15 35.06 8.93
C ARG C 94 46.63 36.37 9.54
N ALA C 95 47.84 36.79 9.19
CA ALA C 95 48.38 38.06 9.70
C ALA C 95 47.54 39.25 9.26
N ASN C 96 47.46 40.27 10.11
CA ASN C 96 46.79 41.52 9.76
C ASN C 96 47.44 42.68 10.51
N GLY C 97 48.76 42.81 10.36
CA GLY C 97 49.50 43.87 11.04
C GLY C 97 49.85 43.50 12.47
N ASP C 98 49.50 44.36 13.42
CA ASP C 98 49.79 44.11 14.83
C ASP C 98 49.14 42.81 15.32
N LYS C 99 48.02 42.45 14.71
CA LYS C 99 47.21 41.33 15.17
C LYS C 99 46.77 40.45 14.01
N ARG C 100 46.57 39.17 14.26
CA ARG C 100 46.01 38.30 13.23
CA ARG C 100 45.99 38.24 13.29
C ARG C 100 44.51 38.55 13.14
N ILE C 101 43.91 38.10 12.04
CA ILE C 101 42.46 38.21 11.87
C ILE C 101 41.92 36.81 11.57
N LYS C 102 40.75 36.48 12.14
CA LYS C 102 40.07 35.25 11.77
C LYS C 102 39.30 35.51 10.48
N TYR C 103 39.84 35.05 9.36
CA TYR C 103 39.22 35.39 8.07
C TYR C 103 38.11 34.42 7.69
N LEU C 104 38.18 33.20 8.23
CA LEU C 104 37.20 32.17 7.92
C LEU C 104 36.83 31.39 9.16
N GLN C 105 35.53 31.14 9.33
CA GLN C 105 35.04 30.32 10.43
C GLN C 105 34.06 29.31 9.87
N ILE C 106 34.22 28.05 10.24
CA ILE C 106 33.30 27.01 9.77
C ILE C 106 32.73 26.28 10.98
N LYS C 107 31.40 26.14 10.99
CA LYS C 107 30.74 25.35 12.03
C LYS C 107 30.05 24.19 11.34
N LEU C 108 30.30 22.99 11.83
CA LEU C 108 29.68 21.78 11.28
C LEU C 108 28.78 21.17 12.35
N LYS C 109 27.59 20.73 11.93
CA LYS C 109 26.60 20.18 12.86
C LYS C 109 26.40 18.68 12.58
N HIS C 110 26.35 17.91 13.66
CA HIS C 110 26.21 16.43 13.63
C HIS C 110 27.33 15.80 12.84
N VAL C 111 28.48 15.69 13.47
CA VAL C 111 29.74 15.44 12.76
C VAL C 111 30.34 14.11 13.19
N LEU C 112 30.98 13.42 12.25
CA LEU C 112 31.75 12.24 12.61
C LEU C 112 33.11 12.26 11.91
N VAL C 113 34.06 11.52 12.49
CA VAL C 113 35.38 11.40 11.89
C VAL C 113 35.29 10.27 10.89
N SER C 114 35.33 10.62 9.60
CA SER C 114 35.17 9.63 8.54
C SER C 114 36.45 8.90 8.16
N SER C 115 37.61 9.50 8.42
CA SER C 115 38.87 8.84 8.09
C SER C 115 39.98 9.47 8.89
N VAL C 116 41.02 8.68 9.19
CA VAL C 116 42.26 9.19 9.73
C VAL C 116 43.41 8.40 9.12
N THR C 117 44.47 9.10 8.71
CA THR C 117 45.54 8.45 7.97
C THR C 117 46.88 8.96 8.51
N PRO C 118 47.41 8.29 9.55
CA PRO C 118 48.67 8.74 10.16
C PRO C 118 49.91 8.11 9.55
N THR C 119 51.01 8.86 9.57
CA THR C 119 52.29 8.39 9.06
C THR C 119 53.41 8.86 9.97
N VAL C 120 54.39 7.98 10.16
CA VAL C 120 55.65 8.33 10.79
C VAL C 120 56.76 7.97 9.83
N ASN C 121 57.48 8.98 9.35
CA ASN C 121 58.58 8.74 8.42
C ASN C 121 59.93 8.77 9.11
N GLU C 122 61.00 8.42 8.39
CA GLU C 122 62.32 8.41 8.98
C GLU C 122 62.74 9.83 9.33
N GLU C 123 62.32 10.78 8.49
CA GLU C 123 62.59 12.19 8.76
C GLU C 123 61.33 13.03 8.65
N GLY C 124 61.27 14.11 9.41
CA GLY C 124 60.12 15.00 9.38
C GLY C 124 59.17 14.76 10.54
N VAL C 125 58.43 15.79 10.91
CA VAL C 125 57.42 15.69 11.96
C VAL C 125 56.28 14.79 11.48
N PRO C 126 55.94 13.76 12.28
CA PRO C 126 54.82 12.90 11.87
C PRO C 126 53.51 13.65 11.81
N THR C 127 52.69 13.33 10.81
CA THR C 127 51.42 14.01 10.62
C THR C 127 50.35 13.01 10.25
N GLU C 128 49.09 13.45 10.30
CA GLU C 128 47.98 12.64 9.84
C GLU C 128 46.95 13.50 9.14
N ALA C 129 46.24 12.92 8.18
CA ALA C 129 45.08 13.57 7.58
C ALA C 129 43.87 13.00 8.27
N PHE C 130 42.85 13.82 8.48
CA PHE C 130 41.59 13.28 8.97
C PHE C 130 40.45 13.96 8.27
N GLY C 131 39.36 13.23 8.08
CA GLY C 131 38.20 13.77 7.38
C GLY C 131 37.03 13.87 8.33
N LEU C 132 36.22 14.90 8.12
CA LEU C 132 34.98 15.08 8.89
C LEU C 132 33.79 15.06 7.95
N LYS C 133 32.76 14.30 8.34
CA LYS C 133 31.51 14.22 7.57
C LYS C 133 30.42 14.78 8.46
N TYR C 134 29.45 15.50 7.89
CA TYR C 134 28.54 16.30 8.71
C TYR C 134 27.17 16.43 8.06
N ALA C 135 26.19 16.89 8.84
CA ALA C 135 24.83 17.03 8.35
C ALA C 135 24.48 18.46 7.93
N ALA C 136 25.14 19.45 8.51
CA ALA C 136 24.90 20.85 8.14
C ALA C 136 26.15 21.67 8.39
N VAL C 137 26.24 22.80 7.72
CA VAL C 137 27.41 23.68 7.81
C VAL C 137 27.03 25.15 7.75
N GLU C 138 27.72 25.96 8.58
CA GLU C 138 27.63 27.40 8.51
C GLU C 138 29.02 27.97 8.23
N TRP C 139 29.14 28.77 7.18
CA TRP C 139 30.41 29.35 6.80
C TRP C 139 30.37 30.85 7.00
N THR C 140 31.37 31.39 7.67
CA THR C 140 31.46 32.83 7.85
C THR C 140 32.80 33.33 7.36
N TYR C 141 32.79 34.28 6.41
CA TYR C 141 34.04 34.90 5.95
C TYR C 141 34.06 36.35 6.41
N ASN C 142 35.13 36.72 7.11
CA ASN C 142 35.21 38.03 7.70
C ASN C 142 35.94 38.99 6.79
N GLN C 143 35.25 40.07 6.43
CA GLN C 143 35.73 41.03 5.43
C GLN C 143 36.58 42.12 6.04
N GLN C 144 37.44 42.70 5.21
CA GLN C 144 38.30 43.80 5.63
C GLN C 144 38.18 44.95 4.65
N ASP C 145 38.35 46.18 5.14
CA ASP C 145 38.35 47.33 4.25
C ASP C 145 39.69 47.42 3.52
N ILE C 146 39.90 48.51 2.80
CA ILE C 146 41.12 48.67 2.02
C ILE C 146 42.37 48.77 2.91
N ASN C 147 42.17 49.18 4.17
CA ASN C 147 43.27 49.29 5.13
C ASN C 147 43.50 48.00 5.89
N GLY C 148 42.65 47.01 5.66
CA GLY C 148 42.74 45.73 6.36
C GLY C 148 41.93 45.69 7.65
N THR C 149 41.26 46.79 7.99
CA THR C 149 40.42 46.81 9.18
C THR C 149 39.13 46.02 8.94
N ALA C 150 38.75 45.20 9.92
CA ALA C 150 37.51 44.42 9.83
C ALA C 150 36.31 45.33 9.53
N LYS C 151 35.43 44.89 8.63
CA LYS C 151 34.36 45.77 8.17
C LYS C 151 33.00 45.10 7.99
N GLY C 152 32.91 43.82 8.35
CA GLY C 152 31.69 43.06 8.19
C GLY C 152 31.97 41.59 7.96
N ALA C 153 30.93 40.81 7.74
CA ALA C 153 31.10 39.39 7.52
C ALA C 153 30.06 38.88 6.55
N VAL C 154 30.41 37.84 5.80
CA VAL C 154 29.47 37.14 4.95
C VAL C 154 29.20 35.78 5.57
N THR C 155 27.94 35.49 5.85
CA THR C 155 27.56 34.21 6.46
C THR C 155 26.59 33.50 5.55
N LYS C 156 26.94 32.26 5.21
CA LYS C 156 26.08 31.42 4.39
C LYS C 156 26.02 30.05 5.05
N LYS C 157 25.06 29.23 4.64
CA LYS C 157 24.87 27.95 5.32
C LYS C 157 24.19 26.95 4.41
N TRP C 158 24.33 25.68 4.74
CA TRP C 158 23.63 24.62 4.02
C TRP C 158 23.37 23.42 4.92
N SER C 159 22.15 22.90 4.85
CA SER C 159 21.80 21.68 5.58
C SER C 159 21.64 20.53 4.59
N LEU C 160 22.46 19.50 4.74
CA LEU C 160 22.37 18.36 3.83
C LEU C 160 21.19 17.47 4.20
N SER C 161 20.78 17.54 5.47
CA SER C 161 19.64 16.73 5.92
C SER C 161 18.28 17.42 5.72
N ASN C 162 18.30 18.72 5.44
CA ASN C 162 17.06 19.45 5.14
C ASN C 162 17.00 19.89 3.68
N ASN C 163 18.15 19.86 3.03
CA ASN C 163 18.30 20.35 1.65
C ASN C 163 17.83 21.80 1.51
N THR C 164 18.22 22.64 2.47
CA THR C 164 17.91 24.06 2.44
C THR C 164 19.05 24.85 3.05
N ALA C 165 19.05 26.16 2.83
CA ALA C 165 20.07 27.04 3.39
C ALA C 165 19.78 27.36 4.85
N SER C 166 20.04 26.40 5.73
CA SER C 166 19.77 26.58 7.15
C SER C 166 20.85 25.84 7.93
N TYR C 167 21.16 26.33 9.12
CA TYR C 167 22.14 25.62 9.92
C TYR C 167 21.41 24.80 10.96
N ALA C 168 20.96 23.62 10.52
CA ALA C 168 20.08 22.76 11.29
C ALA C 168 20.14 21.35 10.75
S SO4 D . -29.23 -11.40 6.21
O1 SO4 D . -29.69 -10.03 6.07
O2 SO4 D . -28.21 -11.49 7.24
O3 SO4 D . -30.37 -12.23 6.59
O4 SO4 D . -28.67 -11.85 4.95
S SO4 E . -45.72 -39.85 -4.04
O1 SO4 E . -46.64 -38.73 -3.92
O2 SO4 E . -44.34 -39.38 -3.93
O3 SO4 E . -45.97 -40.81 -2.97
O4 SO4 E . -45.92 -40.48 -5.33
S SO4 F . -16.65 6.83 -2.19
O1 SO4 F . -15.93 8.04 -2.53
O2 SO4 F . -16.66 6.67 -0.74
O3 SO4 F . -18.02 6.93 -2.68
O4 SO4 F . -16.00 5.67 -2.79
S SO4 G . 36.53 49.42 1.33
O1 SO4 G . 36.52 49.71 -0.10
O2 SO4 G . 37.74 49.97 1.94
O3 SO4 G . 35.36 50.03 1.97
O4 SO4 G . 36.48 47.98 1.52
#